data_2VCL
#
_entry.id   2VCL
#
_cell.length_a   42.500
_cell.length_b   72.470
_cell.length_c   90.940
_cell.angle_alpha   90.00
_cell.angle_beta   90.00
_cell.angle_gamma   90.00
#
_symmetry.space_group_name_H-M   'P 21 21 21'
#
loop_
_entity.id
_entity.type
_entity.pdbx_description
1 polymer 'CYANOBACTERIAL PHYCOERYTHROBILIN'
2 non-polymer GLYCEROL
3 water water
#
_entity_poly.entity_id   1
_entity_poly.type   'polypeptide(L)'
_entity_poly.pdbx_seq_one_letter_code
;(MSE)TKNPRNNKPKKILDSSYKSKTIWQNYIDALFETFPQLEISEVWAKWDGGNVTKDGGDAKLTANIRTGEHFLKARE
AHIVDPNSDIYNTILYPKTGADLPCFG(MSE)DL(MSE)KFSDKKVIIVFDFQHPREKYLFSVDGLPEDDGKYRFFE
(MSE)GNHFSKNIFVRYCKPDEVDQYLDTFKLYLTKYKE(MSE)IDNNKPVGEDTTVYSDFDTY(MSE)TELDPVRGY
(MSE)KNKFGEGRSEAFVNDFLFSYK
;
_entity_poly.pdbx_strand_id   A
#
# COMPACT_ATOMS: atom_id res chain seq x y z
N THR A 22 8.80 3.67 14.30
CA THR A 22 8.83 3.82 12.79
C THR A 22 8.69 5.28 12.41
N ILE A 23 9.38 5.66 11.34
CA ILE A 23 9.25 7.01 10.83
C ILE A 23 7.89 7.25 10.18
N TRP A 24 7.10 6.19 10.03
CA TRP A 24 5.80 6.30 9.34
C TRP A 24 4.62 6.48 10.27
N GLN A 25 4.87 6.63 11.58
CA GLN A 25 3.75 6.65 12.54
C GLN A 25 2.68 7.66 12.23
N ASN A 26 3.06 8.85 11.73
CA ASN A 26 2.01 9.82 11.48
C ASN A 26 1.14 9.46 10.29
N TYR A 27 1.74 8.78 9.29
CA TYR A 27 0.95 8.28 8.17
C TYR A 27 0.00 7.20 8.67
N ILE A 28 0.52 6.30 9.49
CA ILE A 28 -0.28 5.14 9.96
C ILE A 28 -1.43 5.70 10.81
N ASP A 29 -1.12 6.64 11.69
CA ASP A 29 -2.19 7.25 12.50
C ASP A 29 -3.25 7.92 11.63
N ALA A 30 -2.83 8.62 10.57
CA ALA A 30 -3.80 9.32 9.74
C ALA A 30 -4.70 8.25 9.06
N LEU A 31 -4.08 7.16 8.60
CA LEU A 31 -4.85 6.16 7.87
C LEU A 31 -5.99 5.61 8.73
N PHE A 32 -5.66 5.28 9.96
CA PHE A 32 -6.69 4.69 10.84
C PHE A 32 -7.55 5.72 11.61
N GLU A 33 -7.20 6.99 11.55
CA GLU A 33 -8.16 8.02 11.94
C GLU A 33 -9.23 8.16 10.87
N THR A 34 -8.84 8.07 9.61
CA THR A 34 -9.81 8.19 8.51
C THR A 34 -10.68 6.96 8.44
N PHE A 35 -10.06 5.78 8.64
CA PHE A 35 -10.78 4.49 8.56
C PHE A 35 -10.65 3.71 9.87
N PRO A 36 -11.34 4.20 10.93
CA PRO A 36 -11.21 3.55 12.26
C PRO A 36 -11.86 2.17 12.28
N GLN A 37 -12.66 1.86 11.28
CA GLN A 37 -13.28 0.54 11.21
C GLN A 37 -12.30 -0.57 10.87
N LEU A 38 -11.11 -0.24 10.34
CA LEU A 38 -10.20 -1.27 9.88
C LEU A 38 -9.39 -1.78 11.04
N GLU A 39 -9.90 -2.84 11.63
CA GLU A 39 -9.31 -3.45 12.83
C GLU A 39 -8.57 -4.71 12.46
N ILE A 40 -7.49 -5.02 13.19
CA ILE A 40 -6.69 -6.22 12.86
C ILE A 40 -7.55 -7.47 13.05
N SER A 41 -7.67 -8.26 12.00
CA SER A 41 -8.41 -9.51 12.08
C SER A 41 -7.46 -10.71 12.13
N GLU A 42 -6.24 -10.56 11.60
CA GLU A 42 -5.23 -11.62 11.67
C GLU A 42 -3.86 -10.93 11.69
N VAL A 43 -3.01 -11.33 12.62
CA VAL A 43 -1.57 -11.04 12.49
C VAL A 43 -0.97 -12.21 11.69
N TRP A 44 -0.82 -12.00 10.38
CA TRP A 44 -0.49 -13.05 9.46
C TRP A 44 0.92 -13.63 9.68
N ALA A 45 1.87 -12.74 9.98
CA ALA A 45 3.25 -13.16 10.19
C ALA A 45 3.99 -12.20 11.07
N LYS A 46 4.87 -12.74 11.93
CA LYS A 46 5.93 -11.96 12.57
C LYS A 46 7.18 -12.75 12.28
N TRP A 47 8.11 -12.14 11.54
CA TRP A 47 9.32 -12.82 11.08
C TRP A 47 10.55 -12.03 11.40
N ASP A 48 11.61 -12.78 11.76
CA ASP A 48 12.96 -12.20 11.79
C ASP A 48 13.71 -12.54 10.55
N GLY A 49 14.60 -11.63 10.13
CA GLY A 49 15.47 -11.89 9.01
C GLY A 49 16.74 -11.06 9.18
N GLY A 50 17.45 -10.93 8.08
CA GLY A 50 18.63 -10.06 8.05
C GLY A 50 19.79 -10.69 8.80
N ASN A 51 20.61 -9.84 9.40
CA ASN A 51 21.80 -10.32 10.11
C ASN A 51 21.42 -10.93 11.43
N GLY A 57 17.60 -12.00 14.44
CA GLY A 57 17.85 -11.20 13.21
C GLY A 57 17.57 -9.71 13.39
N ASP A 58 18.33 -8.86 12.69
CA ASP A 58 18.16 -7.40 12.80
C ASP A 58 17.06 -6.82 11.91
N ALA A 59 16.42 -7.66 11.11
CA ALA A 59 15.25 -7.24 10.30
C ALA A 59 14.01 -7.89 10.90
N LYS A 60 12.95 -7.09 11.06
CA LYS A 60 11.70 -7.57 11.67
C LYS A 60 10.58 -7.23 10.70
N LEU A 61 9.75 -8.21 10.44
CA LEU A 61 8.59 -8.02 9.54
C LEU A 61 7.32 -8.32 10.33
N THR A 62 6.32 -7.47 10.15
CA THR A 62 4.97 -7.63 10.73
C THR A 62 4.00 -7.57 9.57
N ALA A 63 3.08 -8.54 9.49
CA ALA A 63 2.10 -8.57 8.37
C ALA A 63 0.74 -8.71 9.01
N ASN A 64 -0.11 -7.71 8.84
CA ASN A 64 -1.46 -7.75 9.40
C ASN A 64 -2.50 -7.75 8.31
N ILE A 65 -3.59 -8.47 8.57
CA ILE A 65 -4.82 -8.29 7.77
C ILE A 65 -5.84 -7.54 8.64
N ARG A 66 -6.43 -6.51 8.05
CA ARG A 66 -7.47 -5.74 8.76
C ARG A 66 -8.75 -5.86 7.95
N THR A 67 -9.86 -5.88 8.69
CA THR A 67 -11.19 -5.94 8.06
C THR A 67 -12.10 -4.91 8.71
N GLY A 68 -13.21 -4.60 8.04
CA GLY A 68 -14.12 -3.65 8.58
C GLY A 68 -15.05 -3.10 7.52
N GLU A 69 -16.04 -2.34 8.00
CA GLU A 69 -17.12 -1.86 7.13
C GLU A 69 -16.57 -1.27 5.81
N HIS A 70 -17.18 -1.72 4.71
CA HIS A 70 -16.92 -1.22 3.33
C HIS A 70 -15.71 -1.83 2.65
N PHE A 71 -14.92 -2.63 3.39
CA PHE A 71 -13.66 -3.19 2.85
C PHE A 71 -13.67 -4.71 2.81
N LEU A 72 -13.02 -5.32 1.80
CA LEU A 72 -12.73 -6.73 1.82
C LEU A 72 -11.59 -6.94 2.81
N LYS A 73 -10.55 -6.13 2.67
CA LYS A 73 -9.44 -6.20 3.62
C LYS A 73 -8.55 -4.98 3.44
N ALA A 74 -7.74 -4.69 4.46
CA ALA A 74 -6.55 -3.87 4.29
C ALA A 74 -5.41 -4.78 4.66
N ARG A 75 -4.40 -4.85 3.82
CA ARG A 75 -3.28 -5.73 4.15
C ARG A 75 -2.08 -4.85 4.31
N GLU A 76 -1.49 -4.98 5.48
CA GLU A 76 -0.44 -4.08 5.92
C GLU A 76 0.87 -4.81 6.21
N ALA A 77 1.96 -4.44 5.51
CA ALA A 77 3.29 -5.02 5.73
C ALA A 77 4.18 -3.93 6.31
N HIS A 78 4.93 -4.28 7.33
N HIS A 78 4.82 -4.26 7.41
CA HIS A 78 5.80 -3.28 7.94
CA HIS A 78 5.82 -3.38 7.96
C HIS A 78 7.11 -3.96 8.32
C HIS A 78 7.12 -4.15 8.12
N ILE A 79 8.20 -3.53 7.66
CA ILE A 79 9.52 -4.19 7.78
C ILE A 79 10.49 -3.14 8.24
N VAL A 80 11.30 -3.47 9.23
CA VAL A 80 12.32 -2.50 9.71
CA VAL A 80 12.28 -2.50 9.77
C VAL A 80 13.63 -3.19 9.94
N ASP A 81 14.71 -2.50 9.60
CA ASP A 81 16.03 -3.00 9.96
C ASP A 81 16.90 -1.75 10.18
N PRO A 82 18.19 -1.94 10.52
CA PRO A 82 18.98 -0.73 10.82
C PRO A 82 19.02 0.36 9.74
N ASN A 83 18.76 0.02 8.48
CA ASN A 83 18.88 0.97 7.37
C ASN A 83 17.62 1.09 6.55
N SER A 84 16.52 0.49 7.05
CA SER A 84 15.27 0.51 6.28
C SER A 84 14.03 0.57 7.16
N ASP A 85 12.94 1.09 6.58
CA ASP A 85 11.67 1.17 7.31
C ASP A 85 10.62 1.25 6.24
N ILE A 86 9.89 0.16 6.04
CA ILE A 86 9.03 0.04 4.86
C ILE A 86 7.64 -0.25 5.30
N TYR A 87 6.68 0.56 4.86
CA TYR A 87 5.27 0.37 5.28
C TYR A 87 4.52 0.26 3.98
N ASN A 88 4.00 -0.94 3.69
CA ASN A 88 3.43 -1.22 2.37
C ASN A 88 2.02 -1.73 2.64
N THR A 89 1.02 -0.94 2.27
CA THR A 89 -0.35 -1.25 2.68
C THR A 89 -1.29 -0.98 1.54
N ILE A 90 -2.24 -1.90 1.30
CA ILE A 90 -3.28 -1.62 0.30
C ILE A 90 -4.64 -1.87 0.93
N LEU A 91 -5.55 -0.91 0.70
CA LEU A 91 -6.96 -1.06 1.12
C LEU A 91 -7.70 -1.58 -0.09
N TYR A 92 -8.38 -2.72 0.06
CA TYR A 92 -9.20 -3.35 -1.02
C TYR A 92 -10.67 -3.14 -0.62
N PRO A 93 -11.40 -2.26 -1.31
CA PRO A 93 -12.82 -2.07 -0.93
C PRO A 93 -13.66 -3.26 -1.37
N LYS A 94 -14.84 -3.36 -0.74
CA LYS A 94 -15.84 -4.27 -1.24
C LYS A 94 -16.17 -3.89 -2.68
N THR A 95 -16.75 -4.86 -3.41
CA THR A 95 -16.86 -4.77 -4.84
C THR A 95 -18.27 -4.38 -5.30
N GLY A 96 -18.33 -4.03 -6.58
CA GLY A 96 -19.61 -3.74 -7.23
C GLY A 96 -19.88 -2.26 -7.43
N ALA A 97 -19.03 -1.40 -6.87
CA ALA A 97 -19.14 0.04 -6.98
C ALA A 97 -18.01 0.59 -7.89
N ASP A 98 -17.21 -0.32 -8.45
CA ASP A 98 -16.14 0.07 -9.37
C ASP A 98 -15.12 1.02 -8.71
N LEU A 99 -14.99 0.90 -7.39
CA LEU A 99 -14.00 1.71 -6.65
C LEU A 99 -12.57 1.22 -6.81
N PRO A 100 -11.61 2.15 -6.72
CA PRO A 100 -10.19 1.73 -6.73
C PRO A 100 -9.76 1.25 -5.35
N CYS A 101 -8.67 0.48 -5.35
CA CYS A 101 -7.92 0.32 -4.07
C CYS A 101 -7.19 1.62 -3.71
N PHE A 102 -6.78 1.74 -2.45
CA PHE A 102 -5.86 2.82 -2.10
C PHE A 102 -4.57 2.14 -1.66
N GLY A 103 -3.47 2.45 -2.31
CA GLY A 103 -2.22 1.74 -2.01
C GLY A 103 -1.12 2.70 -1.65
N ASP A 105 3.30 2.71 -0.66
CA ASP A 105 4.60 2.02 -0.43
C ASP A 105 5.48 3.14 0.12
N LEU A 106 5.60 3.16 1.46
CA LEU A 106 6.37 4.18 2.13
C LEU A 106 7.69 3.51 2.52
N LYS A 108 11.68 3.74 3.39
CA LYS A 108 13.07 4.13 3.71
C LYS A 108 13.91 2.93 3.30
N PHE A 109 14.80 3.10 2.32
CA PHE A 109 15.53 1.96 1.75
C PHE A 109 17.01 2.02 2.02
N SER A 110 17.45 3.13 2.60
CA SER A 110 18.83 3.24 3.01
C SER A 110 18.87 4.25 4.14
N ASP A 111 20.03 4.40 4.77
CA ASP A 111 20.14 5.29 5.90
C ASP A 111 19.70 6.73 5.61
N LYS A 112 19.93 7.20 4.39
CA LYS A 112 19.64 8.57 4.01
C LYS A 112 18.57 8.78 2.93
N LYS A 113 17.91 7.70 2.51
CA LYS A 113 17.00 7.82 1.38
C LYS A 113 15.66 7.12 1.60
N VAL A 114 14.64 7.78 1.11
CA VAL A 114 13.25 7.28 1.17
C VAL A 114 12.60 7.52 -0.19
N ILE A 115 11.78 6.55 -0.62
CA ILE A 115 10.79 6.82 -1.67
C ILE A 115 9.41 6.67 -1.09
N ILE A 116 8.54 7.62 -1.42
CA ILE A 116 7.12 7.56 -1.00
C ILE A 116 6.28 7.43 -2.22
N VAL A 117 5.38 6.43 -2.23
CA VAL A 117 4.44 6.26 -3.36
C VAL A 117 3.07 6.05 -2.75
N PHE A 118 2.06 6.81 -3.19
CA PHE A 118 0.71 6.36 -2.90
C PHE A 118 -0.23 6.73 -4.04
N ASP A 119 -1.31 5.96 -4.17
CA ASP A 119 -2.21 6.21 -5.29
C ASP A 119 -3.54 5.48 -5.10
N PHE A 120 -4.49 5.92 -5.92
CA PHE A 120 -5.73 5.22 -6.14
C PHE A 120 -5.45 4.25 -7.25
N GLN A 121 -5.52 2.96 -6.94
CA GLN A 121 -5.15 1.90 -7.90
C GLN A 121 -6.39 1.13 -8.31
N HIS A 122 -6.89 1.47 -9.49
CA HIS A 122 -8.11 0.81 -9.94
C HIS A 122 -7.89 -0.63 -10.35
N PRO A 123 -8.84 -1.53 -10.00
CA PRO A 123 -8.64 -2.95 -10.38
C PRO A 123 -8.74 -3.24 -11.85
N ARG A 124 -9.47 -2.40 -12.61
CA ARG A 124 -9.65 -2.73 -14.01
C ARG A 124 -8.43 -2.36 -14.86
N GLU A 125 -7.99 -3.33 -15.64
CA GLU A 125 -6.83 -3.12 -16.49
C GLU A 125 -7.11 -1.99 -17.47
N LYS A 126 -6.11 -1.11 -17.64
CA LYS A 126 -6.14 -0.08 -18.64
C LYS A 126 -7.25 0.95 -18.43
N TYR A 127 -7.79 1.01 -17.21
CA TYR A 127 -8.79 2.04 -16.90
C TYR A 127 -8.11 3.26 -16.30
N LEU A 128 -8.26 4.40 -16.94
CA LEU A 128 -7.71 5.64 -16.40
C LEU A 128 -8.64 6.30 -15.41
N PHE A 129 -8.20 6.42 -14.16
CA PHE A 129 -8.96 7.03 -13.05
C PHE A 129 -8.29 8.32 -12.59
N SER A 130 -9.09 9.25 -12.08
CA SER A 130 -8.55 10.47 -11.47
C SER A 130 -9.53 11.03 -10.44
N VAL A 131 -9.02 11.95 -9.63
CA VAL A 131 -9.83 12.54 -8.58
C VAL A 131 -9.70 14.05 -8.63
N ASP A 132 -10.82 14.74 -8.87
CA ASP A 132 -10.78 16.20 -8.90
C ASP A 132 -10.30 16.75 -7.57
N GLY A 133 -9.38 17.70 -7.63
CA GLY A 133 -8.88 18.40 -6.45
C GLY A 133 -7.59 17.83 -5.88
N LEU A 134 -7.08 16.78 -6.54
CA LEU A 134 -5.75 16.24 -6.19
C LEU A 134 -4.69 16.59 -7.23
N PRO A 135 -3.39 16.70 -6.80
CA PRO A 135 -2.32 17.01 -7.75
C PRO A 135 -2.24 15.95 -8.80
N GLU A 136 -1.93 16.35 -10.02
CA GLU A 136 -1.73 15.39 -11.11
C GLU A 136 -0.25 15.28 -11.38
N ASP A 137 0.23 14.06 -11.62
CA ASP A 137 1.65 13.90 -11.89
C ASP A 137 1.92 14.63 -13.20
N ASP A 138 3.04 15.38 -13.26
CA ASP A 138 3.40 16.18 -14.46
C ASP A 138 3.97 15.39 -15.65
N GLY A 139 4.28 14.11 -15.43
CA GLY A 139 4.76 13.23 -16.48
C GLY A 139 6.23 13.39 -16.80
N LYS A 140 6.93 14.20 -16.03
CA LYS A 140 8.39 14.34 -16.25
C LYS A 140 9.13 13.02 -16.00
N TYR A 141 8.69 12.29 -14.97
CA TYR A 141 9.35 11.01 -14.60
C TYR A 141 8.42 9.87 -14.90
N ARG A 142 9.02 8.78 -15.41
CA ARG A 142 8.32 7.56 -15.76
C ARG A 142 8.57 6.54 -14.66
N PHE A 143 7.67 6.51 -13.67
CA PHE A 143 7.76 5.54 -12.58
C PHE A 143 6.80 4.37 -12.75
N PHE A 144 5.54 4.66 -13.04
CA PHE A 144 4.52 3.59 -13.13
C PHE A 144 3.64 3.82 -14.32
N GLU A 145 2.98 2.75 -14.75
CA GLU A 145 2.20 2.78 -15.96
C GLU A 145 0.89 3.52 -15.72
N GLY A 147 -2.64 4.94 -15.99
CA GLY A 147 -3.83 4.39 -16.56
C GLY A 147 -3.93 2.88 -16.52
N ASN A 148 -2.97 2.19 -15.87
CA ASN A 148 -3.08 0.75 -15.70
C ASN A 148 -2.78 0.36 -14.25
N HIS A 149 -3.81 0.53 -13.43
CA HIS A 149 -3.74 0.33 -11.97
C HIS A 149 -3.04 1.50 -11.26
N PHE A 150 -2.75 2.58 -11.98
CA PHE A 150 -2.25 3.84 -11.42
C PHE A 150 -3.03 4.98 -12.03
N SER A 151 -3.28 6.00 -11.21
CA SER A 151 -4.21 7.07 -11.61
C SER A 151 -3.44 8.27 -12.08
N LYS A 152 -4.17 9.28 -12.59
CA LYS A 152 -3.52 10.57 -12.89
C LYS A 152 -2.86 11.23 -11.69
N ASN A 153 -3.28 10.81 -10.48
CA ASN A 153 -2.88 11.49 -9.25
C ASN A 153 -1.79 10.71 -8.53
N ILE A 154 -1.17 9.75 -9.24
CA ILE A 154 -0.05 8.98 -8.64
C ILE A 154 0.89 9.96 -7.96
N PHE A 155 1.29 9.61 -6.73
CA PHE A 155 2.11 10.55 -5.96
C PHE A 155 3.41 9.86 -5.62
N VAL A 156 4.52 10.33 -6.20
CA VAL A 156 5.81 9.72 -5.99
C VAL A 156 6.82 10.78 -5.58
N ARG A 157 7.53 10.56 -4.49
CA ARG A 157 8.57 11.54 -4.06
C ARG A 157 9.75 10.85 -3.44
N TYR A 158 10.95 11.35 -3.65
CA TYR A 158 12.10 10.89 -2.91
C TYR A 158 12.38 11.97 -1.88
N CYS A 159 12.86 11.53 -0.70
CA CYS A 159 13.24 12.47 0.35
C CYS A 159 14.16 11.78 1.35
N LYS A 160 14.62 12.58 2.33
CA LYS A 160 15.40 12.02 3.43
C LYS A 160 14.43 11.49 4.49
N PRO A 161 14.87 10.51 5.29
CA PRO A 161 14.00 10.02 6.37
C PRO A 161 13.49 11.16 7.29
N ASP A 162 14.35 12.15 7.46
N ASP A 162 14.32 12.17 7.55
CA ASP A 162 14.08 13.31 8.26
CA ASP A 162 13.90 13.27 8.42
C ASP A 162 12.94 14.19 7.75
C ASP A 162 12.86 14.19 7.76
N GLU A 163 12.56 13.95 6.49
CA GLU A 163 11.62 14.81 5.76
C GLU A 163 10.26 14.19 5.47
N VAL A 164 10.02 12.95 5.92
CA VAL A 164 8.90 12.19 5.31
C VAL A 164 7.54 12.84 5.59
N ASP A 165 7.43 13.55 6.70
CA ASP A 165 6.14 14.19 7.01
C ASP A 165 5.85 15.45 6.20
N GLN A 166 6.80 15.90 5.37
CA GLN A 166 6.47 16.96 4.43
C GLN A 166 5.25 16.64 3.58
N TYR A 167 5.05 15.35 3.33
CA TYR A 167 4.00 14.91 2.41
C TYR A 167 2.78 14.40 3.12
N LEU A 168 2.76 14.50 4.44
CA LEU A 168 1.64 14.02 5.25
C LEU A 168 0.35 14.76 4.99
N ASP A 169 0.44 16.07 4.83
CA ASP A 169 -0.77 16.85 4.59
C ASP A 169 -1.43 16.40 3.27
N THR A 170 -0.61 16.19 2.23
CA THR A 170 -1.10 15.71 0.92
C THR A 170 -1.70 14.30 1.09
N PHE A 171 -1.01 13.43 1.84
CA PHE A 171 -1.53 12.10 2.10
C PHE A 171 -2.92 12.15 2.76
N LYS A 172 -3.05 13.05 3.73
CA LYS A 172 -4.33 13.20 4.42
C LYS A 172 -5.45 13.66 3.48
N LEU A 173 -5.11 14.51 2.49
CA LEU A 173 -6.07 14.95 1.47
C LEU A 173 -6.51 13.76 0.59
N TYR A 174 -5.56 12.91 0.21
CA TYR A 174 -5.91 11.68 -0.52
C TYR A 174 -6.85 10.82 0.28
N LEU A 175 -6.56 10.69 1.58
CA LEU A 175 -7.40 9.86 2.48
C LEU A 175 -8.81 10.47 2.55
N THR A 176 -8.89 11.80 2.63
CA THR A 176 -10.21 12.47 2.66
C THR A 176 -11.04 12.16 1.43
N LYS A 177 -10.42 12.22 0.26
CA LYS A 177 -11.11 11.89 -0.99
C LYS A 177 -11.49 10.42 -1.03
N TYR A 178 -10.63 9.53 -0.50
CA TYR A 178 -10.96 8.12 -0.57
C TYR A 178 -12.12 7.84 0.36
N LYS A 179 -12.09 8.39 1.57
CA LYS A 179 -13.23 8.19 2.49
C LYS A 179 -14.55 8.66 1.86
N GLU A 180 -14.51 9.79 1.16
CA GLU A 180 -15.73 10.34 0.51
C GLU A 180 -16.29 9.34 -0.49
N ILE A 182 -15.74 6.05 -0.66
CA ILE A 182 -16.15 4.85 0.06
C ILE A 182 -17.51 5.08 0.72
N ASP A 183 -17.60 6.20 1.42
CA ASP A 183 -18.85 6.51 2.15
C ASP A 183 -20.00 6.76 1.22
N ASN A 184 -19.74 7.38 0.07
CA ASN A 184 -20.83 7.68 -0.89
C ASN A 184 -21.38 6.43 -1.54
N ASN A 185 -20.55 5.39 -1.62
CA ASN A 185 -20.87 4.18 -2.40
C ASN A 185 -21.31 3.00 -1.57
N LYS A 186 -20.79 2.91 -0.35
CA LYS A 186 -21.12 1.83 0.56
C LYS A 186 -21.16 0.48 -0.15
N PRO A 187 -20.05 0.09 -0.78
CA PRO A 187 -20.01 -1.14 -1.53
C PRO A 187 -20.18 -2.36 -0.62
N VAL A 188 -20.84 -3.40 -1.15
CA VAL A 188 -21.15 -4.59 -0.35
C VAL A 188 -20.71 -5.89 -0.99
N GLY A 189 -20.22 -5.84 -2.23
CA GLY A 189 -19.78 -7.05 -2.90
C GLY A 189 -18.56 -7.69 -2.27
N GLU A 190 -18.50 -9.02 -2.29
CA GLU A 190 -17.31 -9.72 -1.76
C GLU A 190 -16.57 -10.55 -2.81
N ASP A 191 -16.57 -10.08 -4.05
CA ASP A 191 -16.01 -10.88 -5.13
C ASP A 191 -14.50 -10.63 -5.28
N THR A 192 -13.69 -11.46 -4.65
CA THR A 192 -12.24 -11.16 -4.65
C THR A 192 -11.64 -11.29 -6.05
N THR A 193 -12.31 -11.95 -7.00
CA THR A 193 -11.77 -12.10 -8.36
C THR A 193 -11.71 -10.77 -9.09
N VAL A 194 -12.45 -9.77 -8.58
CA VAL A 194 -12.38 -8.41 -9.12
C VAL A 194 -10.92 -7.96 -9.08
N TYR A 195 -10.19 -8.49 -8.10
CA TYR A 195 -8.80 -7.98 -7.89
C TYR A 195 -7.74 -8.92 -8.46
N SER A 196 -8.14 -9.96 -9.18
CA SER A 196 -7.16 -10.91 -9.72
CA SER A 196 -7.15 -10.90 -9.71
C SER A 196 -6.16 -10.27 -10.67
N ASP A 197 -6.64 -9.50 -11.65
CA ASP A 197 -5.72 -8.88 -12.64
C ASP A 197 -4.75 -7.95 -11.92
N PHE A 198 -5.30 -7.19 -10.98
CA PHE A 198 -4.50 -6.21 -10.20
C PHE A 198 -3.44 -6.94 -9.41
N ASP A 199 -3.81 -8.00 -8.66
CA ASP A 199 -2.78 -8.68 -7.85
C ASP A 199 -1.76 -9.40 -8.74
N THR A 200 -2.19 -9.90 -9.91
CA THR A 200 -1.23 -10.51 -10.85
C THR A 200 -0.26 -9.42 -11.34
N TYR A 201 -0.80 -8.26 -11.71
CA TYR A 201 0.03 -7.18 -12.22
C TYR A 201 1.04 -6.74 -11.17
N THR A 203 2.22 -8.43 -8.65
CA THR A 203 3.18 -9.49 -8.44
C THR A 203 4.26 -9.42 -9.51
N GLU A 204 3.86 -9.17 -10.75
CA GLU A 204 4.79 -9.12 -11.90
C GLU A 204 5.66 -7.86 -11.87
N LEU A 205 5.27 -6.88 -11.04
CA LEU A 205 5.92 -5.58 -11.02
C LEU A 205 7.09 -5.64 -10.03
N VAL A 208 12.29 -8.96 -9.17
CA VAL A 208 13.58 -9.11 -8.47
C VAL A 208 13.32 -9.36 -6.98
N ARG A 209 12.49 -8.50 -6.38
CA ARG A 209 12.14 -8.55 -4.94
C ARG A 209 13.34 -8.76 -4.06
N GLY A 210 14.40 -8.00 -4.39
CA GLY A 210 15.72 -8.13 -3.80
C GLY A 210 15.78 -7.95 -2.29
N TYR A 211 15.06 -6.94 -1.79
CA TYR A 211 15.03 -6.64 -0.36
C TYR A 211 14.56 -7.84 0.45
N LYS A 213 14.12 -11.01 -0.54
CA LYS A 213 14.94 -12.21 -0.76
C LYS A 213 16.20 -12.16 0.09
N ASN A 214 16.88 -11.02 0.09
CA ASN A 214 18.14 -10.90 0.82
C ASN A 214 17.90 -11.06 2.32
N LYS A 215 16.81 -10.50 2.84
CA LYS A 215 16.58 -10.54 4.26
C LYS A 215 15.90 -11.81 4.82
N PHE A 216 14.89 -12.33 4.10
CA PHE A 216 14.05 -13.42 4.62
C PHE A 216 14.18 -14.70 3.85
N GLY A 217 14.94 -14.66 2.75
CA GLY A 217 15.13 -15.85 1.93
C GLY A 217 14.11 -15.98 0.83
N GLU A 218 14.53 -16.64 -0.24
CA GLU A 218 13.70 -16.87 -1.42
C GLU A 218 12.33 -17.50 -1.10
N GLY A 219 12.31 -18.55 -0.30
CA GLY A 219 11.06 -19.23 0.07
C GLY A 219 10.05 -18.34 0.77
N ARG A 220 10.47 -17.70 1.88
CA ARG A 220 9.57 -16.85 2.66
C ARG A 220 9.15 -15.66 1.80
N SER A 221 10.04 -15.14 0.96
CA SER A 221 9.66 -14.02 0.08
CA SER A 221 9.72 -14.04 0.02
C SER A 221 8.57 -14.43 -0.89
N GLU A 222 8.68 -15.62 -1.48
CA GLU A 222 7.66 -16.12 -2.39
C GLU A 222 6.32 -16.31 -1.67
N ALA A 223 6.34 -16.90 -0.49
CA ALA A 223 5.13 -17.06 0.31
C ALA A 223 4.52 -15.67 0.68
N PHE A 224 5.39 -14.72 1.04
CA PHE A 224 4.90 -13.39 1.43
C PHE A 224 4.19 -12.72 0.25
N VAL A 225 4.79 -12.79 -0.93
CA VAL A 225 4.18 -12.14 -2.11
C VAL A 225 2.87 -12.85 -2.49
N ASN A 226 2.88 -14.18 -2.50
CA ASN A 226 1.72 -14.89 -3.04
C ASN A 226 0.58 -15.12 -2.06
N ASP A 227 0.92 -15.22 -0.77
CA ASP A 227 -0.08 -15.58 0.20
C ASP A 227 -0.49 -14.42 1.07
N PHE A 228 0.27 -13.32 1.00
CA PHE A 228 -0.09 -12.17 1.79
C PHE A 228 -0.20 -10.88 0.97
N LEU A 229 0.84 -10.53 0.24
CA LEU A 229 0.78 -9.25 -0.49
C LEU A 229 -0.25 -9.20 -1.58
N PHE A 230 -0.28 -10.22 -2.43
CA PHE A 230 -1.10 -10.19 -3.63
C PHE A 230 -1.79 -11.53 -3.74
N SER A 231 -2.65 -11.80 -2.78
CA SER A 231 -3.22 -13.14 -2.67
C SER A 231 -4.54 -13.35 -3.36
N TYR A 232 -5.00 -12.35 -4.13
CA TYR A 232 -6.25 -12.49 -4.86
C TYR A 232 -6.05 -12.95 -6.30
N LYS A 233 -4.83 -13.25 -6.71
CA LYS A 233 -4.55 -13.70 -8.05
C LYS A 233 -5.33 -14.96 -8.36
#